data_8CRF
#
_entry.id   8CRF
#
_cell.length_a   36.705
_cell.length_b   36.705
_cell.length_c   141.491
_cell.angle_alpha   90.00
_cell.angle_beta   90.00
_cell.angle_gamma   90.00
#
_symmetry.space_group_name_H-M   'P 43 21 2'
#
loop_
_entity.id
_entity.type
_entity.pdbx_description
1 polymer 'Host translation inhibitor nsp1'
2 non-polymer ~{N}-methyl-1-(4-thiophen-2-ylphenyl)methanamine
3 water water
#
_entity_poly.entity_id   1
_entity_poly.type   'polypeptide(L)'
_entity_poly.pdbx_seq_one_letter_code
;EKTHVQLSLPVLQVRDVLVRGFGDSVEEVLSEARQHLKDGTCGLVEVEKGVLPQLEQPYVFIKRSDARTAPHGHVMVELV
AELEGIQYGRSGETLGVLVPHVGEIPVAYRKVLLRKN
;
_entity_poly.pdbx_strand_id   A
#
# COMPACT_ATOMS: atom_id res chain seq x y z
N GLU A 1 16.93 -8.03 -10.22
CA GLU A 1 15.86 -7.46 -9.39
C GLU A 1 16.33 -6.14 -8.76
N LYS A 2 15.97 -5.03 -9.39
CA LYS A 2 16.41 -3.73 -8.90
C LYS A 2 15.86 -3.49 -7.48
N THR A 3 16.53 -2.60 -6.74
CA THR A 3 16.10 -2.30 -5.37
C THR A 3 14.80 -1.53 -5.32
N HIS A 4 14.49 -0.79 -6.39
CA HIS A 4 13.30 0.04 -6.43
C HIS A 4 12.65 -0.15 -7.79
N VAL A 5 11.33 -0.03 -7.82
CA VAL A 5 10.57 -0.13 -9.05
C VAL A 5 9.55 1.01 -9.11
N GLN A 6 9.40 1.61 -10.29
CA GLN A 6 8.38 2.62 -10.53
C GLN A 6 7.04 1.96 -10.81
N LEU A 7 6.06 2.37 -10.04
CA LEU A 7 4.72 1.85 -10.19
C LEU A 7 3.76 3.02 -10.22
N SER A 8 2.66 2.83 -10.95
CA SER A 8 1.51 3.73 -10.88
C SER A 8 0.35 2.98 -10.24
N LEU A 9 -0.02 3.36 -9.01
CA LEU A 9 -1.00 2.57 -8.29
C LEU A 9 -2.38 3.19 -8.45
N PRO A 10 -3.41 2.38 -8.72
CA PRO A 10 -4.77 2.90 -8.71
C PRO A 10 -5.20 3.28 -7.30
N VAL A 11 -5.74 4.51 -7.15
CA VAL A 11 -6.25 5.01 -5.87
C VAL A 11 -7.73 4.72 -5.78
N LEU A 12 -8.13 3.93 -4.78
CA LEU A 12 -9.50 3.47 -4.61
C LEU A 12 -10.15 4.19 -3.45
N GLN A 13 -11.44 4.49 -3.60
CA GLN A 13 -12.24 4.92 -2.47
C GLN A 13 -12.55 3.71 -1.59
N VAL A 14 -12.46 3.90 -0.28
CA VAL A 14 -12.62 2.76 0.61
C VAL A 14 -13.91 2.02 0.41
N ARG A 15 -15.03 2.71 0.18
CA ARG A 15 -16.31 2.03 0.06
C ARG A 15 -16.42 1.16 -1.18
N ASP A 16 -15.51 1.32 -2.16
CA ASP A 16 -15.52 0.51 -3.35
C ASP A 16 -14.67 -0.76 -3.22
N VAL A 17 -13.80 -0.85 -2.22
CA VAL A 17 -12.82 -1.95 -2.14
C VAL A 17 -13.52 -3.24 -1.80
N LEU A 18 -13.25 -4.29 -2.61
CA LEU A 18 -13.97 -5.54 -2.43
C LEU A 18 -13.21 -6.48 -1.50
N VAL A 19 -11.89 -6.46 -1.53
CA VAL A 19 -11.03 -7.26 -0.65
C VAL A 19 -10.23 -6.29 0.21
N ARG A 20 -10.54 -6.26 1.51
CA ARG A 20 -10.17 -5.14 2.37
C ARG A 20 -8.82 -5.32 3.09
N GLY A 21 -8.05 -6.32 2.71
CA GLY A 21 -6.75 -6.56 3.30
C GLY A 21 -6.09 -7.71 2.58
N PHE A 22 -4.85 -7.95 2.96
CA PHE A 22 -4.04 -8.95 2.31
C PHE A 22 -3.89 -10.25 3.08
N GLY A 23 -4.43 -10.36 4.28
CA GLY A 23 -4.27 -11.60 5.02
C GLY A 23 -4.32 -11.35 6.52
N ASP A 24 -3.80 -12.32 7.26
CA ASP A 24 -4.14 -12.44 8.68
C ASP A 24 -2.97 -12.31 9.64
N SER A 25 -1.76 -12.11 9.14
CA SER A 25 -0.60 -11.88 9.99
C SER A 25 0.25 -10.83 9.31
N VAL A 26 1.15 -10.22 10.07
CA VAL A 26 2.03 -9.17 9.54
C VAL A 26 2.89 -9.73 8.42
N GLU A 27 3.45 -10.92 8.61
CA GLU A 27 4.29 -11.51 7.56
C GLU A 27 3.47 -11.80 6.30
N GLU A 28 2.26 -12.31 6.47
CA GLU A 28 1.48 -12.60 5.29
C GLU A 28 1.09 -11.34 4.53
N VAL A 29 0.68 -10.30 5.24
CA VAL A 29 0.21 -9.12 4.51
C VAL A 29 1.34 -8.47 3.73
N LEU A 30 2.55 -8.43 4.30
CA LEU A 30 3.68 -7.86 3.59
C LEU A 30 4.00 -8.71 2.37
N SER A 31 3.99 -10.03 2.54
CA SER A 31 4.29 -10.95 1.44
C SER A 31 3.28 -10.80 0.32
N GLU A 32 2.00 -10.80 0.67
CA GLU A 32 0.96 -10.71 -0.33
C GLU A 32 0.94 -9.35 -0.99
N ALA A 33 1.13 -8.28 -0.20
CA ALA A 33 1.23 -6.95 -0.80
C ALA A 33 2.31 -6.94 -1.87
N ARG A 34 3.49 -7.44 -1.53
CA ARG A 34 4.57 -7.49 -2.50
C ARG A 34 4.19 -8.27 -3.75
N GLN A 35 3.54 -9.44 -3.60
CA GLN A 35 3.14 -10.22 -4.77
CA GLN A 35 3.13 -10.23 -4.76
C GLN A 35 2.11 -9.47 -5.64
N HIS A 36 1.13 -8.83 -5.00
CA HIS A 36 0.17 -8.05 -5.77
C HIS A 36 0.82 -6.84 -6.45
N LEU A 37 1.79 -6.22 -5.80
CA LEU A 37 2.48 -5.13 -6.45
C LEU A 37 3.23 -5.63 -7.68
N LYS A 38 3.91 -6.77 -7.55
CA LYS A 38 4.59 -7.41 -8.68
C LYS A 38 3.62 -7.70 -9.83
N ASP A 39 2.41 -8.15 -9.50
CA ASP A 39 1.46 -8.62 -10.49
C ASP A 39 0.58 -7.50 -11.04
N GLY A 40 0.70 -6.28 -10.52
CA GLY A 40 -0.10 -5.19 -10.99
C GLY A 40 -1.53 -5.23 -10.48
N THR A 41 -1.76 -5.88 -9.35
CA THR A 41 -3.08 -6.05 -8.79
C THR A 41 -3.17 -5.48 -7.38
N CYS A 42 -2.54 -4.33 -7.18
CA CYS A 42 -2.51 -3.67 -5.86
C CYS A 42 -3.01 -2.25 -6.00
N GLY A 43 -3.95 -1.85 -5.15
CA GLY A 43 -4.47 -0.51 -5.10
C GLY A 43 -4.04 0.19 -3.82
N LEU A 44 -4.38 1.47 -3.77
CA LEU A 44 -4.00 2.35 -2.68
C LEU A 44 -5.23 3.10 -2.20
N VAL A 45 -5.43 3.15 -0.88
CA VAL A 45 -6.54 3.91 -0.29
C VAL A 45 -5.91 5.01 0.53
N GLU A 46 -6.28 6.27 0.27
CA GLU A 46 -5.71 7.38 1.03
C GLU A 46 -6.40 7.44 2.38
N VAL A 47 -5.63 7.69 3.43
CA VAL A 47 -6.17 7.62 4.79
C VAL A 47 -6.81 8.95 5.15
N GLU A 48 -8.10 8.89 5.46
CA GLU A 48 -8.90 9.97 5.98
C GLU A 48 -9.60 9.40 7.22
N LYS A 49 -10.15 10.26 8.06
CA LYS A 49 -10.98 9.76 9.15
C LYS A 49 -12.04 8.81 8.60
N GLY A 50 -12.23 7.71 9.32
CA GLY A 50 -13.20 6.71 8.95
C GLY A 50 -12.67 5.62 8.05
N VAL A 51 -11.48 5.76 7.51
CA VAL A 51 -11.01 4.79 6.53
C VAL A 51 -10.50 3.54 7.20
N LEU A 52 -9.52 3.68 8.07
CA LEU A 52 -8.90 2.49 8.67
C LEU A 52 -9.93 1.55 9.29
N PRO A 53 -10.93 2.02 10.03
CA PRO A 53 -11.90 1.08 10.62
C PRO A 53 -12.75 0.36 9.60
N GLN A 54 -12.75 0.77 8.32
CA GLN A 54 -13.44 0.08 7.25
C GLN A 54 -12.55 -0.89 6.51
N LEU A 55 -11.30 -1.05 6.96
CA LEU A 55 -10.37 -1.92 6.29
C LEU A 55 -9.99 -2.96 7.32
N GLU A 56 -9.40 -4.05 6.84
CA GLU A 56 -9.01 -5.14 7.73
C GLU A 56 -7.55 -5.13 8.13
N GLN A 57 -7.32 -5.36 9.40
CA GLN A 57 -5.98 -5.52 9.91
C GLN A 57 -5.49 -6.95 9.73
N PRO A 58 -4.17 -7.15 9.71
CA PRO A 58 -3.15 -6.10 9.69
C PRO A 58 -3.18 -5.22 8.46
N TYR A 59 -2.81 -3.96 8.64
CA TYR A 59 -2.73 -3.02 7.52
C TYR A 59 -1.32 -3.03 6.91
N VAL A 60 -1.24 -2.80 5.60
CA VAL A 60 0.01 -2.47 4.93
C VAL A 60 -0.03 -1.04 4.45
N PHE A 61 0.86 -0.22 4.98
CA PHE A 61 1.02 1.15 4.52
C PHE A 61 2.21 1.27 3.57
N ILE A 62 2.12 2.22 2.64
CA ILE A 62 3.31 2.76 1.99
C ILE A 62 3.62 4.08 2.65
N LYS A 63 4.87 4.23 3.03
CA LYS A 63 5.35 5.41 3.73
C LYS A 63 6.50 6.00 2.95
N ARG A 64 6.67 7.32 3.05
CA ARG A 64 7.73 8.00 2.33
C ARG A 64 9.07 7.69 2.98
N SER A 65 10.03 7.30 2.16
CA SER A 65 11.31 6.83 2.65
C SER A 65 12.46 7.78 2.39
N ASP A 66 12.27 8.87 1.62
CA ASP A 66 13.37 9.71 1.14
C ASP A 66 12.87 11.16 1.04
N ALA A 67 13.65 12.01 0.37
CA ALA A 67 13.21 13.35 -0.05
C ALA A 67 14.09 13.90 -1.18
N ALA A 70 12.39 12.16 -5.01
CA ALA A 70 11.17 11.93 -5.79
C ALA A 70 11.48 11.90 -7.27
N PRO A 71 12.14 10.84 -7.71
CA PRO A 71 12.61 10.78 -9.10
C PRO A 71 11.44 10.65 -10.08
N HIS A 72 11.46 11.51 -11.11
CA HIS A 72 10.64 11.37 -12.33
C HIS A 72 9.13 11.47 -12.09
N GLY A 73 8.71 12.00 -10.92
CA GLY A 73 7.31 12.01 -10.51
C GLY A 73 6.96 10.98 -9.45
N HIS A 74 7.82 10.00 -9.24
CA HIS A 74 7.55 8.88 -8.36
C HIS A 74 8.20 9.10 -7.00
N VAL A 75 7.37 9.24 -5.97
CA VAL A 75 7.86 9.46 -4.61
C VAL A 75 8.37 8.14 -4.05
N MET A 76 9.50 8.18 -3.37
CA MET A 76 10.16 6.95 -2.96
C MET A 76 9.47 6.48 -1.69
N VAL A 77 9.08 5.22 -1.65
CA VAL A 77 8.28 4.66 -0.57
C VAL A 77 8.76 3.29 -0.18
N GLU A 78 8.35 2.90 1.02
CA GLU A 78 8.61 1.55 1.50
C GLU A 78 7.37 1.06 2.27
N LEU A 79 7.32 -0.25 2.48
CA LEU A 79 6.18 -0.88 3.12
C LEU A 79 6.39 -1.00 4.63
N VAL A 80 5.33 -0.71 5.40
CA VAL A 80 5.31 -0.93 6.84
C VAL A 80 3.92 -1.46 7.20
N ALA A 81 3.89 -2.50 7.99
CA ALA A 81 2.66 -3.13 8.42
C ALA A 81 2.32 -2.70 9.82
N GLU A 82 1.03 -2.74 10.13
CA GLU A 82 0.57 -2.41 11.47
C GLU A 82 -0.46 -3.44 11.93
N LEU A 83 -0.33 -3.90 13.18
CA LEU A 83 -1.29 -4.81 13.77
C LEU A 83 -1.46 -4.42 15.24
N GLU A 84 -2.70 -4.19 15.65
CA GLU A 84 -3.04 -3.86 17.03
C GLU A 84 -2.12 -2.77 17.58
N GLY A 85 -1.91 -1.73 16.78
CA GLY A 85 -1.24 -0.54 17.26
C GLY A 85 0.28 -0.60 17.22
N ILE A 86 0.85 -1.72 16.80
CA ILE A 86 2.27 -1.90 16.65
C ILE A 86 2.64 -1.93 15.17
N GLN A 87 3.75 -1.28 14.83
CA GLN A 87 4.20 -1.15 13.46
C GLN A 87 5.50 -1.92 13.26
N TYR A 88 5.64 -2.46 12.06
CA TYR A 88 6.70 -3.39 11.72
C TYR A 88 7.41 -2.70 10.56
N GLY A 89 8.47 -2.03 10.92
CA GLY A 89 9.17 -1.03 10.13
C GLY A 89 9.01 0.36 10.72
N ARG A 90 9.96 1.23 10.39
CA ARG A 90 9.86 2.66 10.73
C ARG A 90 10.23 3.41 9.47
N SER A 91 9.45 4.43 9.15
CA SER A 91 9.59 5.16 7.91
C SER A 91 8.93 6.52 8.09
N GLY A 92 8.78 7.24 7.02
CA GLY A 92 8.19 8.58 7.02
C GLY A 92 6.67 8.60 6.92
N GLU A 93 6.15 9.68 6.33
CA GLU A 93 4.72 9.92 6.26
C GLU A 93 3.99 8.86 5.43
N THR A 94 2.81 8.49 5.87
CA THR A 94 1.97 7.55 5.14
C THR A 94 1.37 8.20 3.90
N LEU A 95 1.48 7.50 2.75
CA LEU A 95 0.77 7.87 1.53
C LEU A 95 -0.60 7.23 1.46
N GLY A 96 -0.74 6.03 2.01
CA GLY A 96 -2.03 5.38 2.03
C GLY A 96 -1.84 3.95 2.45
N VAL A 97 -2.96 3.23 2.45
CA VAL A 97 -2.98 1.83 2.80
CA VAL A 97 -2.99 1.82 2.81
C VAL A 97 -3.13 1.02 1.53
N LEU A 98 -2.38 -0.03 1.40
CA LEU A 98 -2.45 -0.87 0.21
C LEU A 98 -3.53 -1.93 0.38
N VAL A 99 -4.24 -2.23 -0.70
CA VAL A 99 -5.27 -3.25 -0.70
C VAL A 99 -5.16 -4.01 -2.01
N PRO A 100 -5.69 -5.23 -2.08
CA PRO A 100 -5.80 -5.90 -3.37
C PRO A 100 -6.64 -5.05 -4.31
N HIS A 101 -6.30 -5.06 -5.57
CA HIS A 101 -7.14 -4.45 -6.61
C HIS A 101 -7.71 -5.59 -7.46
N VAL A 102 -9.04 -5.63 -7.57
CA VAL A 102 -9.75 -6.66 -8.30
C VAL A 102 -10.70 -6.06 -9.33
N GLY A 103 -10.37 -4.90 -9.87
CA GLY A 103 -11.10 -4.28 -10.95
C GLY A 103 -11.94 -3.08 -10.60
N GLU A 104 -11.86 -2.62 -9.36
CA GLU A 104 -12.54 -1.38 -8.98
C GLU A 104 -12.02 -0.22 -9.80
N ILE A 105 -12.91 0.72 -10.03
CA ILE A 105 -12.58 1.93 -10.79
C ILE A 105 -11.90 2.91 -9.85
N PRO A 106 -10.68 3.32 -10.17
CA PRO A 106 -9.97 4.26 -9.29
C PRO A 106 -10.44 5.69 -9.52
N VAL A 107 -10.05 6.57 -8.61
CA VAL A 107 -10.27 8.00 -8.72
C VAL A 107 -9.03 8.75 -9.12
N ALA A 108 -7.89 8.07 -9.18
CA ALA A 108 -6.62 8.69 -9.56
C ALA A 108 -5.61 7.56 -9.62
N TYR A 109 -4.39 7.88 -10.08
CA TYR A 109 -3.26 6.97 -10.02
C TYR A 109 -2.18 7.70 -9.26
N ARG A 110 -1.45 6.97 -8.41
CA ARG A 110 -0.38 7.52 -7.57
C ARG A 110 0.93 6.90 -7.98
N LYS A 111 1.87 7.71 -8.46
CA LYS A 111 3.18 7.25 -8.91
C LYS A 111 4.11 7.16 -7.72
N VAL A 112 4.72 6.01 -7.54
CA VAL A 112 5.66 5.77 -6.46
C VAL A 112 6.87 5.02 -7.00
N LEU A 113 7.94 5.17 -6.29
CA LEU A 113 9.19 4.44 -6.52
C LEU A 113 9.37 3.55 -5.29
N LEU A 114 9.04 2.30 -5.45
CA LEU A 114 8.80 1.42 -4.32
C LEU A 114 10.08 0.67 -4.04
N ARG A 115 10.51 0.70 -2.80
CA ARG A 115 11.61 -0.15 -2.37
C ARG A 115 11.11 -1.59 -2.24
N LYS A 116 11.72 -2.50 -2.98
CA LYS A 116 11.45 -3.92 -2.84
C LYS A 116 12.38 -4.46 -1.75
N ASN A 117 11.93 -4.43 -0.49
CA ASN A 117 12.78 -4.91 0.62
C ASN A 117 12.18 -6.10 1.35
#